data_3GX3
#
_entry.id   3GX3
#
_cell.length_a   62.427
_cell.length_b   62.427
_cell.length_c   158.221
_cell.angle_alpha   90.00
_cell.angle_beta   90.00
_cell.angle_gamma   90.00
#
_symmetry.space_group_name_H-M   'P 43 21 2'
#
loop_
_entity.id
_entity.type
_entity.pdbx_description
1 polymer 'RNA (94-MER)'
2 non-polymer S-ADENOSYL-L-HOMOCYSTEINE
3 non-polymer 'MAGNESIUM ION'
4 non-polymer 'POTASSIUM ION'
5 water water
#
_entity_poly.entity_id   1
_entity_poly.type   'polyribonucleotide'
_entity_poly.pdbx_seq_one_letter_code
;GGCUUAUCAAGAGAGGUGGAGGGACUGGCCCGACGAAACCCGGCAACCAGAAAUGGUGCCAAUUCCUGCAGCGGAAACGU
UGAAAGAUGAGCCG
;
_entity_poly.pdbx_strand_id   A
#
loop_
_chem_comp.id
_chem_comp.type
_chem_comp.name
_chem_comp.formula
A RNA linking ADENOSINE-5'-MONOPHOSPHATE 'C10 H14 N5 O7 P'
C RNA linking CYTIDINE-5'-MONOPHOSPHATE 'C9 H14 N3 O8 P'
G RNA linking GUANOSINE-5'-MONOPHOSPHATE 'C10 H14 N5 O8 P'
K non-polymer 'POTASSIUM ION' 'K 1'
MG non-polymer 'MAGNESIUM ION' 'Mg 2'
U RNA linking URIDINE-5'-MONOPHOSPHATE 'C9 H13 N2 O9 P'
#
# COMPACT_ATOMS: atom_id res chain seq x y z
N SAH B . -0.72 -0.06 -3.33
CA SAH B . -1.28 -0.25 -1.99
CB SAH B . -0.29 -0.02 -0.85
CG SAH B . 1.03 -0.78 -0.77
SD SAH B . 1.53 -0.80 0.96
C SAH B . -2.51 0.62 -1.69
O SAH B . -3.08 0.45 -0.62
OXT SAH B . -2.93 1.48 -2.48
C5' SAH B . 1.68 1.00 0.83
C4' SAH B . 3.02 1.49 0.29
O4' SAH B . 3.31 1.01 -1.03
C3' SAH B . 3.07 3.01 0.24
O3' SAH B . 3.62 3.54 1.43
C2' SAH B . 3.90 3.32 -0.99
O2' SAH B . 5.27 3.46 -0.69
C1' SAH B . 3.74 2.09 -1.85
N9 SAH B . 2.80 2.30 -2.98
C8 SAH B . 2.86 1.71 -4.23
N7 SAH B . 1.85 2.19 -4.98
C5 SAH B . 1.13 3.06 -4.24
C6 SAH B . 0.00 3.81 -4.51
N6 SAH B . -0.57 3.74 -5.70
N1 SAH B . -0.52 4.64 -3.57
C2 SAH B . 0.07 4.72 -2.33
N3 SAH B . 1.19 3.95 -2.06
C4 SAH B . 1.72 3.14 -2.99
MG MG C . -0.90 5.20 -13.35
MG MG D . -0.07 15.40 -12.37
MG MG E . 0.96 -4.38 17.07
MG MG F . -0.40 -8.60 25.65
MG MG G . 0.22 -9.79 10.24
MG MG H . -21.55 -20.45 2.41
MG MG I . -3.83 -19.57 9.19
MG MG J . -8.21 -1.24 4.06
MG MG K . -7.33 -4.90 5.17
K K L . 11.19 -4.50 2.07
#